data_4YTC
#
_entry.id   4YTC
#
_cell.length_a   94.569
_cell.length_b   101.516
_cell.length_c   68.377
_cell.angle_alpha   90.00
_cell.angle_beta   90.00
_cell.angle_gamma   90.00
#
_symmetry.space_group_name_H-M   'C 2 2 21'
#
loop_
_entity.id
_entity.type
_entity.pdbx_description
1 polymer 'Tyrosine-protein kinase JAK2'
2 non-polymer N~3~-phenyl-1-[6-(phenylamino)pyrimidin-4-yl]-1H-1,2,4-triazole-3,5-diamine
3 water water
#
_entity_poly.entity_id   1
_entity_poly.type   'polypeptide(L)'
_entity_poly.pdbx_seq_one_letter_code
;GSHNMTQFEERHLKFLQQLGKGNFGSVEMCRYDPLQDNTGEVVAVKKLQHSTEEHLRDFEREIEILKSLQHDNIVKYKGV
CYSAGRRNLKLIMEYLPYGSLRDYLQKHKERIDHIKLLQYTSQICKGMEYLGTKRYIHRDLATRNILVENENRVKIGDFG
LTKVLPQDKE(PTR)(PTR)KVKEPGESPIFWYAPESLTESKFSVASDVWSFGVVLYELFTYIEKSKSPPAEFMRMIGND
KQGQMIVFHLIELLKNNGRLPRPDGCPDEIYMIMTECWNNNVNQRPSFRDLALRVDQIRDNMAG
;
_entity_poly.pdbx_strand_id   A
#
loop_
_chem_comp.id
_chem_comp.type
_chem_comp.name
_chem_comp.formula
4HW non-polymer N~3~-phenyl-1-[6-(phenylamino)pyrimidin-4-yl]-1H-1,2,4-triazole-3,5-diamine 'C18 H16 N8'
#
# COMPACT_ATOMS: atom_id res chain seq x y z
N THR A 6 -19.83 -16.11 -11.61
CA THR A 6 -20.29 -15.59 -12.90
C THR A 6 -19.08 -15.04 -13.72
N GLN A 7 -19.23 -14.96 -15.06
CA GLN A 7 -18.18 -14.54 -15.97
C GLN A 7 -18.31 -13.12 -16.55
N PHE A 8 -17.15 -12.57 -16.96
CA PHE A 8 -16.96 -11.26 -17.57
C PHE A 8 -16.44 -11.42 -18.99
N GLU A 9 -17.29 -11.15 -19.99
CA GLU A 9 -16.93 -11.24 -21.42
C GLU A 9 -16.22 -9.94 -21.78
N GLU A 10 -14.99 -10.06 -22.32
CA GLU A 10 -14.07 -9.00 -22.76
C GLU A 10 -14.72 -8.02 -23.71
N ARG A 11 -15.57 -8.53 -24.62
CA ARG A 11 -16.27 -7.75 -25.64
C ARG A 11 -17.24 -6.73 -25.03
N HIS A 12 -17.74 -7.01 -23.80
CA HIS A 12 -18.71 -6.17 -23.10
C HIS A 12 -18.06 -5.18 -22.08
N LEU A 13 -16.72 -5.17 -21.96
CA LEU A 13 -16.03 -4.24 -21.08
C LEU A 13 -15.76 -2.96 -21.88
N LYS A 14 -16.44 -1.87 -21.53
CA LYS A 14 -16.26 -0.59 -22.22
C LYS A 14 -15.25 0.26 -21.45
N PHE A 15 -14.16 0.73 -22.12
CA PHE A 15 -13.14 1.57 -21.49
C PHE A 15 -13.74 2.94 -21.19
N LEU A 16 -13.48 3.43 -19.98
CA LEU A 16 -13.98 4.74 -19.59
C LEU A 16 -12.81 5.72 -19.37
N GLN A 17 -11.88 5.37 -18.46
CA GLN A 17 -10.75 6.21 -18.08
C GLN A 17 -9.59 5.40 -17.54
N GLN A 18 -8.38 5.90 -17.72
CA GLN A 18 -7.23 5.25 -17.15
C GLN A 18 -7.12 5.79 -15.70
N LEU A 19 -6.82 4.89 -14.75
CA LEU A 19 -6.71 5.25 -13.34
C LEU A 19 -5.29 5.30 -12.85
N GLY A 20 -4.42 4.41 -13.35
CA GLY A 20 -3.02 4.37 -12.96
C GLY A 20 -2.20 3.31 -13.64
N LYS A 21 -0.84 3.47 -13.57
CA LYS A 21 0.19 2.60 -14.18
C LYS A 21 1.36 2.36 -13.23
N GLY A 22 2.07 1.23 -13.43
CA GLY A 22 3.21 0.80 -12.62
C GLY A 22 4.27 0.05 -13.39
N GLY A 25 1.97 -3.15 -15.44
CA GLY A 25 0.55 -3.15 -15.13
C GLY A 25 -0.16 -1.81 -15.24
N SER A 26 -1.47 -1.86 -15.53
CA SER A 26 -2.31 -0.68 -15.65
C SER A 26 -3.69 -0.98 -15.09
N VAL A 27 -4.30 0.03 -14.47
CA VAL A 27 -5.61 0.01 -13.86
C VAL A 27 -6.48 1.01 -14.62
N GLU A 28 -7.63 0.55 -15.12
CA GLU A 28 -8.60 1.37 -15.86
C GLU A 28 -9.98 1.22 -15.26
N MET A 29 -10.78 2.26 -15.45
CA MET A 29 -12.16 2.33 -15.05
C MET A 29 -12.89 1.87 -16.34
N CYS A 30 -13.78 0.88 -16.17
CA CYS A 30 -14.56 0.29 -17.25
C CYS A 30 -16.00 0.12 -16.84
N ARG A 31 -16.89 0.01 -17.84
CA ARG A 31 -18.29 -0.29 -17.59
C ARG A 31 -18.49 -1.72 -18.16
N TYR A 32 -18.98 -2.65 -17.31
CA TYR A 32 -19.27 -4.01 -17.76
C TYR A 32 -20.69 -3.89 -18.26
N ASP A 33 -20.83 -3.72 -19.58
CA ASP A 33 -22.14 -3.46 -20.18
C ASP A 33 -22.63 -4.51 -21.27
N PRO A 34 -23.06 -5.75 -20.85
CA PRO A 34 -23.54 -6.73 -21.83
C PRO A 34 -24.86 -6.38 -22.53
N LEU A 35 -25.70 -5.51 -21.93
CA LEU A 35 -26.99 -5.06 -22.48
C LEU A 35 -26.81 -3.92 -23.51
N GLN A 36 -25.58 -3.35 -23.57
CA GLN A 36 -25.09 -2.29 -24.48
C GLN A 36 -25.91 -0.95 -24.44
N ASP A 37 -26.62 -0.70 -23.30
CA ASP A 37 -27.46 0.48 -23.03
C ASP A 37 -26.81 1.49 -22.03
N ASN A 38 -25.51 1.28 -21.73
CA ASN A 38 -24.65 2.03 -20.81
C ASN A 38 -25.20 2.02 -19.36
N THR A 39 -26.05 1.03 -19.02
CA THR A 39 -26.59 0.88 -17.67
C THR A 39 -25.71 -0.12 -16.83
N GLY A 40 -24.65 -0.68 -17.45
CA GLY A 40 -23.79 -1.65 -16.77
C GLY A 40 -23.02 -1.13 -15.58
N GLU A 41 -22.52 -2.07 -14.77
CA GLU A 41 -21.74 -1.78 -13.57
C GLU A 41 -20.38 -1.22 -13.92
N VAL A 42 -19.98 -0.15 -13.19
CA VAL A 42 -18.67 0.46 -13.32
C VAL A 42 -17.74 -0.39 -12.42
N VAL A 43 -16.59 -0.85 -12.97
CA VAL A 43 -15.61 -1.72 -12.33
C VAL A 43 -14.20 -1.18 -12.57
N ALA A 44 -13.24 -1.64 -11.77
CA ALA A 44 -11.82 -1.29 -11.89
C ALA A 44 -11.22 -2.56 -12.54
N VAL A 45 -10.43 -2.37 -13.60
CA VAL A 45 -9.82 -3.46 -14.38
C VAL A 45 -8.30 -3.35 -14.38
N LYS A 46 -7.63 -4.38 -13.85
CA LYS A 46 -6.17 -4.43 -13.86
C LYS A 46 -5.73 -5.40 -14.95
N LYS A 47 -4.77 -4.98 -15.79
CA LYS A 47 -4.21 -5.79 -16.87
C LYS A 47 -2.70 -5.51 -17.01
N LEU A 48 -1.97 -6.45 -17.58
CA LEU A 48 -0.54 -6.31 -17.81
C LEU A 48 -0.32 -5.52 -19.09
N GLN A 49 0.72 -4.68 -19.08
CA GLN A 49 1.07 -3.87 -20.25
C GLN A 49 2.20 -4.54 -21.05
N HIS A 50 3.11 -5.26 -20.33
CA HIS A 50 4.24 -6.02 -20.86
C HIS A 50 4.07 -7.42 -20.27
N SER A 51 3.20 -8.20 -20.94
CA SER A 51 2.83 -9.55 -20.54
C SER A 51 3.92 -10.60 -20.86
N THR A 52 5.01 -10.59 -20.05
CA THR A 52 6.12 -11.55 -20.15
C THR A 52 5.61 -12.80 -19.39
N GLU A 53 6.25 -13.97 -19.61
CA GLU A 53 5.88 -15.24 -18.96
C GLU A 53 6.06 -15.20 -17.43
N GLU A 54 7.07 -14.46 -16.93
CA GLU A 54 7.34 -14.28 -15.50
C GLU A 54 6.27 -13.35 -14.91
N HIS A 55 5.96 -12.22 -15.63
CA HIS A 55 4.95 -11.23 -15.24
C HIS A 55 3.54 -11.80 -15.22
N LEU A 56 3.22 -12.77 -16.11
CA LEU A 56 1.95 -13.50 -16.18
C LEU A 56 1.79 -14.35 -14.91
N ARG A 57 2.87 -15.09 -14.54
CA ARG A 57 2.99 -15.96 -13.38
C ARG A 57 2.74 -15.15 -12.08
N ASP A 58 3.41 -13.97 -11.94
CA ASP A 58 3.23 -13.10 -10.78
C ASP A 58 1.83 -12.54 -10.73
N PHE A 59 1.26 -12.08 -11.86
CA PHE A 59 -0.08 -11.51 -11.98
C PHE A 59 -1.16 -12.52 -11.57
N GLU A 60 -0.99 -13.75 -12.00
CA GLU A 60 -1.89 -14.82 -11.62
C GLU A 60 -1.88 -15.11 -10.11
N ARG A 61 -0.69 -15.01 -9.48
CA ARG A 61 -0.50 -15.20 -8.04
C ARG A 61 -1.17 -14.06 -7.28
N GLU A 62 -1.07 -12.83 -7.81
CA GLU A 62 -1.67 -11.60 -7.28
C GLU A 62 -3.21 -11.74 -7.29
N ILE A 63 -3.75 -12.34 -8.39
CA ILE A 63 -5.19 -12.61 -8.54
C ILE A 63 -5.59 -13.62 -7.46
N GLU A 64 -4.81 -14.72 -7.27
CA GLU A 64 -5.09 -15.71 -6.22
C GLU A 64 -5.07 -15.11 -4.82
N ILE A 65 -4.13 -14.17 -4.56
CA ILE A 65 -4.00 -13.43 -3.29
C ILE A 65 -5.28 -12.63 -3.05
N LEU A 66 -5.67 -11.73 -3.97
CA LEU A 66 -6.85 -10.88 -3.82
C LEU A 66 -8.15 -11.67 -3.56
N LYS A 67 -8.38 -12.73 -4.35
CA LYS A 67 -9.52 -13.65 -4.31
C LYS A 67 -9.67 -14.32 -2.92
N SER A 68 -8.53 -14.68 -2.29
CA SER A 68 -8.51 -15.32 -0.96
C SER A 68 -8.81 -14.34 0.19
N LEU A 69 -8.79 -13.02 -0.09
CA LEU A 69 -8.98 -11.97 0.92
C LEU A 69 -10.37 -11.39 0.94
N GLN A 70 -11.02 -11.43 2.12
CA GLN A 70 -12.36 -10.87 2.33
C GLN A 70 -12.39 -10.17 3.67
N HIS A 71 -12.22 -8.84 3.59
CA HIS A 71 -12.17 -7.92 4.73
C HIS A 71 -12.69 -6.61 4.26
N ASP A 72 -13.32 -5.84 5.17
CA ASP A 72 -13.89 -4.51 4.88
C ASP A 72 -12.86 -3.48 4.41
N ASN A 73 -11.57 -3.67 4.80
CA ASN A 73 -10.53 -2.74 4.42
C ASN A 73 -9.57 -3.30 3.36
N ILE A 74 -10.08 -4.22 2.50
CA ILE A 74 -9.33 -4.84 1.37
C ILE A 74 -10.27 -4.72 0.19
N VAL A 75 -9.77 -4.11 -0.91
CA VAL A 75 -10.51 -3.94 -2.20
C VAL A 75 -11.09 -5.35 -2.59
N LYS A 76 -12.38 -5.36 -3.01
CA LYS A 76 -13.11 -6.58 -3.36
C LYS A 76 -12.78 -7.08 -4.74
N TYR A 77 -12.43 -8.38 -4.79
CA TYR A 77 -12.18 -9.11 -6.03
C TYR A 77 -13.61 -9.34 -6.63
N LYS A 78 -13.76 -9.19 -7.94
CA LYS A 78 -15.04 -9.45 -8.61
C LYS A 78 -14.96 -10.61 -9.56
N GLY A 79 -13.85 -10.73 -10.26
CA GLY A 79 -13.66 -11.78 -11.22
C GLY A 79 -12.44 -11.60 -12.07
N VAL A 80 -12.34 -12.47 -13.07
CA VAL A 80 -11.27 -12.56 -14.06
C VAL A 80 -11.93 -12.68 -15.43
N CYS A 81 -11.41 -11.92 -16.35
CA CYS A 81 -11.86 -11.89 -17.73
C CYS A 81 -10.79 -12.54 -18.53
N TYR A 82 -11.19 -13.69 -19.11
CA TYR A 82 -10.22 -14.47 -19.90
C TYR A 82 -10.19 -14.23 -21.41
N SER A 83 -11.38 -13.74 -21.81
CA SER A 83 -11.88 -13.66 -23.14
C SER A 83 -10.71 -13.45 -24.29
N ALA A 84 -9.49 -12.77 -23.95
CA ALA A 84 -8.24 -12.50 -24.70
C ALA A 84 -7.26 -13.79 -24.61
N ARG A 86 -5.92 -17.17 -21.74
CA ARG A 86 -5.13 -17.38 -20.49
C ARG A 86 -3.85 -16.49 -20.31
N ARG A 87 -3.18 -16.19 -21.46
CA ARG A 87 -1.97 -15.37 -21.57
C ARG A 87 -2.28 -13.84 -21.42
N ASN A 88 -3.58 -13.43 -21.31
CA ASN A 88 -3.98 -12.03 -21.20
C ASN A 88 -5.18 -11.78 -20.31
N LEU A 89 -4.96 -12.12 -19.04
CA LEU A 89 -5.88 -11.98 -17.92
C LEU A 89 -6.14 -10.52 -17.63
N LYS A 90 -7.35 -10.27 -17.24
CA LYS A 90 -7.82 -8.97 -16.78
C LYS A 90 -8.45 -9.27 -15.42
N LEU A 91 -7.98 -8.57 -14.39
CA LEU A 91 -8.48 -8.72 -13.02
C LEU A 91 -9.59 -7.69 -12.90
N ILE A 92 -10.79 -8.15 -12.49
CA ILE A 92 -11.97 -7.31 -12.28
C ILE A 92 -12.11 -7.08 -10.79
N MET A 93 -12.24 -5.81 -10.40
CA MET A 93 -12.38 -5.39 -9.00
C MET A 93 -13.45 -4.35 -8.89
N GLU A 94 -13.93 -4.13 -7.68
CA GLU A 94 -14.90 -3.07 -7.41
C GLU A 94 -14.17 -1.73 -7.66
N TYR A 95 -14.89 -0.79 -8.23
CA TYR A 95 -14.40 0.55 -8.48
C TYR A 95 -14.63 1.36 -7.19
N LEU A 96 -13.57 1.97 -6.63
CA LEU A 96 -13.63 2.81 -5.41
C LEU A 96 -13.58 4.24 -5.94
N PRO A 97 -14.72 4.97 -5.84
CA PRO A 97 -14.82 6.29 -6.53
C PRO A 97 -14.01 7.49 -6.02
N TYR A 98 -13.48 7.48 -4.79
CA TYR A 98 -12.74 8.65 -4.32
C TYR A 98 -11.22 8.57 -4.56
N GLY A 99 -10.76 7.54 -5.28
CA GLY A 99 -9.35 7.37 -5.67
C GLY A 99 -8.40 6.99 -4.57
N SER A 100 -7.09 7.22 -4.81
CA SER A 100 -6.07 6.90 -3.80
C SER A 100 -6.12 7.93 -2.68
N LEU A 101 -5.81 7.47 -1.49
CA LEU A 101 -5.75 8.27 -0.28
C LEU A 101 -4.75 9.41 -0.39
N ARG A 102 -3.62 9.17 -1.09
CA ARG A 102 -2.58 10.15 -1.33
C ARG A 102 -3.20 11.41 -1.99
N ASP A 103 -4.04 11.21 -3.02
CA ASP A 103 -4.70 12.28 -3.76
C ASP A 103 -5.83 12.86 -2.98
N TYR A 104 -6.67 12.00 -2.37
CA TYR A 104 -7.81 12.40 -1.55
C TYR A 104 -7.39 13.38 -0.43
N LEU A 105 -6.39 12.98 0.43
CA LEU A 105 -5.87 13.77 1.52
C LEU A 105 -5.26 15.10 1.04
N GLN A 106 -4.40 15.06 -0.01
CA GLN A 106 -3.75 16.22 -0.62
C GLN A 106 -4.79 17.27 -1.12
N LYS A 107 -5.96 16.80 -1.61
CA LYS A 107 -7.07 17.60 -2.11
C LYS A 107 -7.93 18.17 -0.99
N HIS A 108 -8.25 17.38 0.05
CA HIS A 108 -9.12 17.80 1.17
C HIS A 108 -8.41 18.07 2.50
N LYS A 109 -7.07 18.37 2.45
CA LYS A 109 -6.02 18.62 3.47
C LYS A 109 -6.53 18.69 4.94
N GLU A 110 -6.23 19.74 5.72
CA GLU A 110 -6.57 19.85 7.16
C GLU A 110 -8.09 19.95 7.46
N ARG A 111 -8.93 19.85 6.38
CA ARG A 111 -10.41 19.83 6.38
C ARG A 111 -10.88 18.38 6.78
N ILE A 112 -9.89 17.49 6.93
CA ILE A 112 -9.87 16.13 7.42
C ILE A 112 -9.11 16.41 8.72
N ASP A 113 -9.77 16.18 9.87
CA ASP A 113 -9.07 16.45 11.12
C ASP A 113 -8.30 15.20 11.60
N HIS A 114 -7.63 15.29 12.76
CA HIS A 114 -6.84 14.21 13.38
C HIS A 114 -7.68 12.97 13.65
N ILE A 115 -8.93 13.15 14.11
CA ILE A 115 -9.93 12.10 14.42
C ILE A 115 -10.22 11.25 13.14
N LYS A 116 -10.38 11.94 11.98
CA LYS A 116 -10.63 11.34 10.67
C LYS A 116 -9.37 10.55 10.21
N LEU A 117 -8.17 11.15 10.36
CA LEU A 117 -6.89 10.49 10.00
C LEU A 117 -6.69 9.21 10.79
N LEU A 118 -7.12 9.21 12.07
CA LEU A 118 -7.00 8.07 12.97
C LEU A 118 -8.05 6.96 12.67
N GLN A 119 -9.21 7.33 12.09
CA GLN A 119 -10.24 6.37 11.65
C GLN A 119 -9.61 5.57 10.45
N TYR A 120 -8.92 6.30 9.50
CA TYR A 120 -8.24 5.74 8.33
C TYR A 120 -7.08 4.87 8.78
N THR A 121 -6.27 5.36 9.76
CA THR A 121 -5.09 4.63 10.34
C THR A 121 -5.58 3.26 10.93
N SER A 122 -6.70 3.28 11.69
CA SER A 122 -7.30 2.07 12.31
C SER A 122 -7.70 1.04 11.22
N GLN A 123 -8.39 1.50 10.15
CA GLN A 123 -8.84 0.68 8.99
C GLN A 123 -7.63 0.03 8.26
N ILE A 124 -6.55 0.82 8.04
CA ILE A 124 -5.30 0.37 7.41
C ILE A 124 -4.69 -0.75 8.30
N CYS A 125 -4.61 -0.52 9.63
CA CYS A 125 -4.12 -1.49 10.64
C CYS A 125 -4.86 -2.79 10.60
N LYS A 126 -6.21 -2.72 10.58
CA LYS A 126 -7.11 -3.86 10.55
C LYS A 126 -6.94 -4.66 9.27
N GLY A 127 -6.81 -3.97 8.13
CA GLY A 127 -6.60 -4.59 6.83
C GLY A 127 -5.28 -5.35 6.80
N MET A 128 -4.25 -4.72 7.36
CA MET A 128 -2.88 -5.25 7.48
C MET A 128 -2.80 -6.45 8.44
N GLU A 129 -3.52 -6.38 9.56
CA GLU A 129 -3.57 -7.46 10.56
C GLU A 129 -4.20 -8.72 9.90
N TYR A 130 -5.32 -8.53 9.17
CA TYR A 130 -5.98 -9.60 8.45
C TYR A 130 -5.05 -10.22 7.36
N LEU A 131 -4.31 -9.39 6.63
CA LEU A 131 -3.36 -9.82 5.60
C LEU A 131 -2.25 -10.72 6.20
N GLY A 132 -1.79 -10.37 7.40
CA GLY A 132 -0.76 -11.10 8.15
C GLY A 132 -1.23 -12.47 8.60
N THR A 133 -2.55 -12.62 8.90
CA THR A 133 -3.15 -13.92 9.31
C THR A 133 -3.05 -14.95 8.15
N LYS A 134 -3.06 -14.49 6.88
CA LYS A 134 -2.94 -15.34 5.67
C LYS A 134 -1.47 -15.53 5.29
N ARG A 135 -0.53 -14.97 6.08
CA ARG A 135 0.93 -15.05 5.87
C ARG A 135 1.38 -14.35 4.55
N TYR A 136 0.72 -13.22 4.24
CA TYR A 136 1.04 -12.38 3.07
C TYR A 136 1.79 -11.17 3.55
N ILE A 137 2.78 -10.74 2.76
CA ILE A 137 3.63 -9.57 3.02
C ILE A 137 3.35 -8.59 1.90
N HIS A 138 2.70 -7.45 2.23
CA HIS A 138 2.35 -6.39 1.28
C HIS A 138 3.56 -5.83 0.50
N ARG A 139 4.66 -5.43 1.21
CA ARG A 139 5.93 -4.87 0.69
C ARG A 139 5.85 -3.45 0.10
N ASP A 140 4.63 -2.99 -0.28
CA ASP A 140 4.41 -1.67 -0.87
C ASP A 140 3.34 -0.84 -0.14
N LEU A 141 3.30 -0.91 1.22
CA LEU A 141 2.34 -0.14 1.98
C LEU A 141 2.73 1.33 1.88
N ALA A 142 1.83 2.15 1.28
CA ALA A 142 1.99 3.59 1.04
C ALA A 142 0.63 4.18 0.79
N THR A 143 0.42 5.49 1.08
CA THR A 143 -0.91 6.14 0.89
C THR A 143 -1.38 6.07 -0.58
N ARG A 144 -0.46 6.00 -1.56
CA ARG A 144 -0.77 5.86 -3.01
C ARG A 144 -1.49 4.52 -3.26
N ASN A 145 -1.25 3.47 -2.43
CA ASN A 145 -1.83 2.13 -2.59
C ASN A 145 -3.06 1.89 -1.74
N ILE A 146 -3.49 2.92 -1.01
CA ILE A 146 -4.67 2.89 -0.16
C ILE A 146 -5.76 3.65 -0.94
N LEU A 147 -6.93 3.06 -1.07
CA LEU A 147 -8.05 3.63 -1.82
C LEU A 147 -9.18 4.04 -0.92
N VAL A 148 -9.90 5.08 -1.36
CA VAL A 148 -11.01 5.68 -0.62
C VAL A 148 -12.34 5.27 -1.23
N GLU A 149 -13.13 4.55 -0.43
CA GLU A 149 -14.46 4.08 -0.85
C GLU A 149 -15.43 5.24 -0.73
N ASN A 150 -15.43 5.89 0.42
CA ASN A 150 -16.22 7.06 0.85
C ASN A 150 -15.43 7.73 2.00
N GLU A 151 -15.94 8.87 2.54
CA GLU A 151 -15.33 9.66 3.63
C GLU A 151 -15.06 8.87 4.92
N ASN A 152 -15.76 7.72 5.12
CA ASN A 152 -15.65 6.85 6.30
C ASN A 152 -14.97 5.50 6.09
N ARG A 153 -14.53 5.17 4.84
CA ARG A 153 -13.90 3.86 4.58
C ARG A 153 -12.78 3.90 3.53
N VAL A 154 -11.63 3.39 3.95
CA VAL A 154 -10.42 3.22 3.15
C VAL A 154 -10.14 1.71 3.05
N LYS A 155 -9.49 1.32 1.97
CA LYS A 155 -9.18 -0.09 1.74
C LYS A 155 -7.80 -0.21 1.12
N ILE A 156 -7.06 -1.26 1.48
N ILE A 156 -7.09 -1.27 1.48
CA ILE A 156 -5.75 -1.51 0.88
CA ILE A 156 -5.76 -1.58 0.96
C ILE A 156 -6.07 -2.10 -0.47
C ILE A 156 -6.02 -2.16 -0.44
N GLY A 157 -5.33 -1.62 -1.45
CA GLY A 157 -5.41 -2.05 -2.85
C GLY A 157 -3.99 -2.35 -3.26
N ASP A 158 -3.85 -2.68 -4.52
CA ASP A 158 -2.58 -2.96 -5.18
C ASP A 158 -1.70 -3.99 -4.45
N PHE A 159 -1.89 -5.27 -4.82
CA PHE A 159 -1.14 -6.39 -4.25
C PHE A 159 -0.05 -6.87 -5.25
N GLY A 160 0.36 -5.95 -6.14
CA GLY A 160 1.39 -6.14 -7.16
C GLY A 160 2.71 -6.66 -6.63
N LEU A 161 3.16 -6.15 -5.47
CA LEU A 161 4.45 -6.56 -4.85
C LEU A 161 4.29 -7.59 -3.73
N THR A 162 3.04 -7.95 -3.35
CA THR A 162 2.73 -8.90 -2.28
C THR A 162 3.39 -10.26 -2.52
N LYS A 163 3.97 -10.81 -1.43
CA LYS A 163 4.62 -12.13 -1.39
C LYS A 163 3.95 -13.00 -0.31
N VAL A 164 3.96 -14.31 -0.54
CA VAL A 164 3.41 -15.27 0.41
C VAL A 164 4.66 -15.76 1.12
N LEU A 165 4.63 -15.80 2.45
CA LEU A 165 5.74 -16.30 3.25
C LEU A 165 5.94 -17.79 3.00
N PRO A 166 7.22 -18.30 2.94
CA PRO A 166 7.40 -19.77 2.84
C PRO A 166 6.84 -20.38 4.14
N GLN A 167 6.40 -21.64 4.07
CA GLN A 167 5.82 -22.44 5.18
C GLN A 167 6.62 -22.45 6.50
N ASP A 168 7.96 -22.49 6.39
CA ASP A 168 8.93 -22.59 7.49
C ASP A 168 9.75 -21.31 7.79
N LYS A 169 9.40 -20.17 7.17
CA LYS A 169 10.15 -18.92 7.41
C LYS A 169 9.23 -17.76 7.76
N GLU A 170 9.71 -16.82 8.58
CA GLU A 170 8.93 -15.62 8.97
C GLU A 170 9.32 -14.40 8.12
N PTR A 171 10.11 -14.62 7.06
CA PTR A 171 10.57 -13.61 6.10
C PTR A 171 10.59 -14.21 4.71
O PTR A 171 10.65 -15.44 4.55
CB PTR A 171 11.94 -12.87 6.47
CG PTR A 171 13.06 -13.88 6.36
CD1 PTR A 171 13.40 -14.60 7.55
CD2 PTR A 171 13.76 -14.10 5.09
CE1 PTR A 171 14.42 -15.58 7.49
CE2 PTR A 171 14.78 -15.09 5.03
CZ PTR A 171 15.14 -15.82 6.23
OH PTR A 171 16.13 -16.80 6.10
P PTR A 171 17.47 -16.57 6.83
O1P PTR A 171 17.32 -16.73 8.37
O2P PTR A 171 18.40 -17.62 6.19
O3P PTR A 171 18.02 -15.15 6.50
N PTR A 172 10.57 -13.34 3.70
CA PTR A 172 10.64 -13.65 2.29
C PTR A 172 11.84 -12.86 1.77
O PTR A 172 11.87 -11.64 1.97
CB PTR A 172 9.33 -13.32 1.49
CG PTR A 172 9.45 -13.80 0.05
CD1 PTR A 172 8.87 -15.07 -0.27
CD2 PTR A 172 10.11 -13.00 -0.98
CE1 PTR A 172 8.97 -15.54 -1.60
CE2 PTR A 172 10.22 -13.48 -2.29
CZ PTR A 172 9.63 -14.75 -2.63
OH PTR A 172 9.82 -15.12 -3.97
P PTR A 172 8.71 -15.71 -4.89
O1P PTR A 172 7.53 -16.50 -4.23
O2P PTR A 172 8.12 -14.56 -5.74
O3P PTR A 172 9.50 -16.69 -5.82
N LYS A 173 12.80 -13.52 1.09
CA LYS A 173 14.00 -12.89 0.53
C LYS A 173 13.85 -12.67 -0.98
N VAL A 174 13.92 -11.40 -1.44
CA VAL A 174 13.80 -11.04 -2.85
C VAL A 174 15.21 -11.08 -3.49
N LYS A 175 15.50 -12.12 -4.31
CA LYS A 175 16.80 -12.33 -4.98
C LYS A 175 17.15 -11.27 -6.02
N GLU A 176 16.20 -10.87 -6.87
CA GLU A 176 16.46 -9.86 -7.89
C GLU A 176 15.41 -8.75 -7.84
N PRO A 177 15.60 -7.70 -6.96
CA PRO A 177 14.59 -6.63 -6.87
C PRO A 177 14.44 -5.81 -8.15
N GLY A 178 13.23 -5.35 -8.36
CA GLY A 178 12.82 -4.49 -9.46
C GLY A 178 12.73 -3.09 -8.90
N GLU A 179 11.75 -2.30 -9.34
CA GLU A 179 11.51 -0.94 -8.83
C GLU A 179 11.06 -1.16 -7.36
N SER A 180 11.75 -0.50 -6.43
CA SER A 180 11.52 -0.66 -5.00
C SER A 180 11.25 0.69 -4.30
N PRO A 181 10.16 0.78 -3.46
CA PRO A 181 9.88 2.06 -2.73
C PRO A 181 10.80 2.16 -1.49
N ILE A 182 12.10 2.39 -1.75
CA ILE A 182 13.23 2.44 -0.77
C ILE A 182 13.00 3.39 0.40
N PHE A 183 12.28 4.53 0.21
CA PHE A 183 12.02 5.50 1.29
C PHE A 183 10.93 5.02 2.30
N TRP A 184 10.32 3.85 2.03
CA TRP A 184 9.30 3.16 2.86
C TRP A 184 9.87 1.85 3.41
N TYR A 185 11.08 1.46 2.99
CA TYR A 185 11.74 0.22 3.38
C TYR A 185 12.43 0.19 4.73
N ALA A 186 12.27 -0.95 5.41
CA ALA A 186 12.90 -1.26 6.68
C ALA A 186 14.43 -1.43 6.39
N PRO A 187 15.35 -1.21 7.37
CA PRO A 187 16.78 -1.37 7.11
C PRO A 187 17.15 -2.76 6.57
N GLU A 188 16.57 -3.86 7.13
CA GLU A 188 16.87 -5.24 6.71
C GLU A 188 16.40 -5.51 5.28
N SER A 189 15.36 -4.76 4.82
CA SER A 189 14.84 -4.87 3.45
C SER A 189 15.86 -4.19 2.55
N LEU A 190 16.48 -3.07 3.00
CA LEU A 190 17.50 -2.38 2.18
C LEU A 190 18.81 -3.13 2.11
N THR A 191 19.25 -3.68 3.25
CA THR A 191 20.53 -4.38 3.30
C THR A 191 20.50 -5.79 2.77
N GLU A 192 19.49 -6.59 3.19
CA GLU A 192 19.37 -8.01 2.86
C GLU A 192 18.19 -8.41 2.00
N SER A 193 17.35 -7.44 1.56
CA SER A 193 16.15 -7.70 0.72
C SER A 193 15.18 -8.70 1.44
N LYS A 194 15.08 -8.59 2.79
CA LYS A 194 14.23 -9.44 3.67
C LYS A 194 12.93 -8.72 4.00
N PHE A 195 11.80 -9.37 3.68
CA PHE A 195 10.48 -8.81 3.89
C PHE A 195 9.69 -9.67 4.81
N SER A 196 9.05 -9.04 5.78
CA SER A 196 8.29 -9.77 6.78
C SER A 196 7.13 -8.88 7.26
N VAL A 197 6.32 -9.39 8.21
CA VAL A 197 5.22 -8.65 8.83
C VAL A 197 5.86 -7.39 9.52
N ALA A 198 7.02 -7.59 10.18
CA ALA A 198 7.81 -6.55 10.85
C ALA A 198 8.24 -5.43 9.84
N SER A 199 8.62 -5.76 8.58
CA SER A 199 9.01 -4.73 7.58
C SER A 199 7.76 -3.96 7.07
N ASP A 200 6.57 -4.64 7.02
CA ASP A 200 5.29 -4.02 6.68
C ASP A 200 4.89 -3.05 7.82
N VAL A 201 5.24 -3.35 9.13
CA VAL A 201 4.96 -2.46 10.31
C VAL A 201 5.82 -1.17 10.15
N TRP A 202 7.13 -1.31 9.80
CA TRP A 202 8.03 -0.16 9.54
C TRP A 202 7.34 0.73 8.46
N SER A 203 6.94 0.14 7.28
CA SER A 203 6.26 0.87 6.17
C SER A 203 4.96 1.53 6.67
N PHE A 204 4.23 0.88 7.59
CA PHE A 204 3.02 1.44 8.21
C PHE A 204 3.37 2.78 8.98
N GLY A 205 4.52 2.80 9.69
CA GLY A 205 5.01 3.99 10.40
C GLY A 205 5.16 5.16 9.41
N VAL A 206 5.69 4.84 8.21
CA VAL A 206 5.88 5.78 7.10
C VAL A 206 4.50 6.30 6.60
N VAL A 207 3.46 5.38 6.50
CA VAL A 207 2.06 5.74 6.08
C VAL A 207 1.53 6.75 7.09
N LEU A 208 1.69 6.45 8.39
CA LEU A 208 1.26 7.33 9.48
C LEU A 208 1.89 8.73 9.34
N TYR A 209 3.20 8.78 9.01
CA TYR A 209 3.95 10.01 8.75
C TYR A 209 3.30 10.76 7.56
N GLU A 210 3.05 10.05 6.43
CA GLU A 210 2.42 10.62 5.22
C GLU A 210 1.09 11.25 5.59
N LEU A 211 0.24 10.53 6.36
CA LEU A 211 -1.07 11.02 6.80
C LEU A 211 -0.98 12.36 7.56
N PHE A 212 -0.12 12.41 8.58
CA PHE A 212 0.04 13.56 9.46
C PHE A 212 0.79 14.73 8.81
N THR A 213 1.47 14.56 7.64
CA THR A 213 2.10 15.67 6.91
C THR A 213 1.10 16.24 5.88
N TYR A 214 -0.09 15.58 5.75
CA TYR A 214 -1.18 15.90 4.83
C TYR A 214 -0.72 15.87 3.35
N ILE A 215 0.29 15.00 3.04
CA ILE A 215 0.93 14.77 1.73
C ILE A 215 1.60 16.09 1.19
N GLU A 216 2.25 16.86 2.09
CA GLU A 216 2.95 18.08 1.69
C GLU A 216 4.22 17.58 0.99
N LYS A 217 4.37 17.90 -0.33
CA LYS A 217 5.48 17.49 -1.23
C LYS A 217 6.89 17.72 -0.65
N SER A 218 7.12 18.90 -0.02
CA SER A 218 8.40 19.28 0.59
C SER A 218 8.70 18.44 1.86
N LYS A 219 7.64 17.87 2.49
CA LYS A 219 7.72 17.05 3.71
C LYS A 219 7.65 15.55 3.39
N SER A 220 7.57 15.16 2.11
CA SER A 220 7.45 13.75 1.74
C SER A 220 8.65 12.88 2.20
N PRO A 221 8.47 11.55 2.50
CA PRO A 221 9.63 10.71 2.86
C PRO A 221 10.79 10.82 1.82
N PRO A 222 10.62 10.80 0.44
CA PRO A 222 11.79 11.00 -0.44
C PRO A 222 12.44 12.37 -0.23
N ALA A 223 11.63 13.47 -0.10
CA ALA A 223 12.15 14.84 0.10
C ALA A 223 12.93 14.99 1.41
N GLU A 224 12.41 14.45 2.53
CA GLU A 224 13.07 14.50 3.84
C GLU A 224 14.33 13.66 3.90
N PHE A 225 14.25 12.40 3.37
CA PHE A 225 15.43 11.51 3.39
C PHE A 225 16.54 12.05 2.49
N MET A 226 16.19 12.62 1.30
CA MET A 226 17.18 13.20 0.39
C MET A 226 17.93 14.36 1.02
N ARG A 227 17.24 15.18 1.80
CA ARG A 227 17.79 16.31 2.52
C ARG A 227 18.79 15.81 3.61
N MET A 228 18.45 14.72 4.32
CA MET A 228 19.27 14.15 5.38
C MET A 228 20.52 13.48 4.88
N ILE A 229 20.47 12.82 3.69
CA ILE A 229 21.64 12.17 3.13
C ILE A 229 22.45 13.12 2.21
N GLY A 230 21.80 14.18 1.74
CA GLY A 230 22.37 15.18 0.84
C GLY A 230 21.80 14.99 -0.56
N ASN A 231 21.23 16.06 -1.15
CA ASN A 231 20.64 16.07 -2.52
C ASN A 231 21.66 15.74 -3.65
N ASP A 232 22.97 15.78 -3.32
CA ASP A 232 24.07 15.46 -4.23
C ASP A 232 24.18 13.93 -4.43
N LYS A 233 23.55 13.06 -3.54
CA LYS A 233 23.62 11.60 -3.67
C LYS A 233 22.76 11.11 -4.84
N GLN A 234 23.32 10.23 -5.69
CA GLN A 234 22.63 9.72 -6.89
C GLN A 234 22.73 8.21 -7.03
N GLY A 235 21.70 7.61 -7.64
CA GLY A 235 21.64 6.17 -7.91
C GLY A 235 21.82 5.28 -6.69
N GLN A 236 22.67 4.24 -6.81
CA GLN A 236 22.95 3.27 -5.73
C GLN A 236 23.56 3.92 -4.44
N MET A 237 24.17 5.13 -4.55
CA MET A 237 24.73 5.91 -3.43
C MET A 237 23.65 6.39 -2.45
N ILE A 238 22.40 6.58 -2.95
CA ILE A 238 21.23 6.97 -2.15
C ILE A 238 20.94 5.79 -1.17
N VAL A 239 20.90 4.54 -1.68
CA VAL A 239 20.66 3.32 -0.90
C VAL A 239 21.81 3.17 0.12
N PHE A 240 23.09 3.36 -0.29
CA PHE A 240 24.24 3.25 0.63
C PHE A 240 24.09 4.24 1.79
N HIS A 241 23.84 5.54 1.48
CA HIS A 241 23.72 6.58 2.49
C HIS A 241 22.46 6.46 3.32
N LEU A 242 21.34 5.98 2.73
CA LEU A 242 20.09 5.78 3.49
C LEU A 242 20.23 4.70 4.58
N ILE A 243 20.90 3.58 4.25
CA ILE A 243 21.19 2.43 5.16
C ILE A 243 22.01 2.95 6.38
N GLU A 244 23.14 3.67 6.10
CA GLU A 244 24.02 4.26 7.12
C GLU A 244 23.24 5.26 7.99
N LEU A 245 22.39 6.08 7.38
CA LEU A 245 21.56 7.04 8.12
C LEU A 245 20.64 6.30 9.11
N LEU A 246 19.86 5.30 8.62
CA LEU A 246 18.91 4.47 9.40
C LEU A 246 19.60 3.70 10.51
N LYS A 247 20.79 3.13 10.22
CA LYS A 247 21.59 2.39 11.21
C LYS A 247 22.06 3.31 12.34
N ASN A 248 22.15 4.64 12.06
CA ASN A 248 22.60 5.66 13.03
C ASN A 248 21.48 6.52 13.61
N ASN A 249 20.23 6.02 13.54
CA ASN A 249 18.98 6.55 14.09
C ASN A 249 18.48 7.82 13.45
N GLY A 250 18.89 8.07 12.20
CA GLY A 250 18.35 9.20 11.45
C GLY A 250 16.93 8.73 11.10
N ARG A 251 15.95 9.53 11.46
CA ARG A 251 14.53 9.24 11.25
C ARG A 251 13.85 10.44 10.65
N LEU A 252 12.64 10.24 10.09
CA LEU A 252 11.77 11.27 9.54
C LEU A 252 11.33 12.12 10.77
N PRO A 253 11.20 13.47 10.62
CA PRO A 253 10.82 14.30 11.79
C PRO A 253 9.37 14.16 12.22
N ARG A 254 9.01 14.81 13.34
CA ARG A 254 7.64 14.82 13.81
C ARG A 254 6.92 15.82 12.89
N PRO A 255 5.84 15.41 12.15
CA PRO A 255 5.13 16.36 11.27
C PRO A 255 4.58 17.53 12.08
N ASP A 256 4.49 18.73 11.46
CA ASP A 256 3.95 19.93 12.14
C ASP A 256 2.51 19.66 12.58
N GLY A 257 2.25 19.89 13.86
CA GLY A 257 0.96 19.72 14.51
C GLY A 257 0.55 18.30 14.85
N CYS A 258 1.49 17.32 14.71
CA CYS A 258 1.25 15.92 15.00
C CYS A 258 1.20 15.66 16.51
N PRO A 259 0.12 15.00 17.07
CA PRO A 259 0.11 14.70 18.51
C PRO A 259 1.28 13.77 18.89
N ASP A 260 1.87 14.01 20.09
CA ASP A 260 3.02 13.29 20.67
C ASP A 260 2.88 11.76 20.61
N GLU A 261 1.70 11.25 21.01
CA GLU A 261 1.31 9.84 21.04
C GLU A 261 1.33 9.12 19.68
N ILE A 262 1.04 9.87 18.59
CA ILE A 262 1.03 9.39 17.20
C ILE A 262 2.48 9.33 16.74
N TYR A 263 3.30 10.36 17.06
CA TYR A 263 4.73 10.36 16.72
C TYR A 263 5.43 9.20 17.45
N MET A 264 5.02 8.87 18.69
CA MET A 264 5.59 7.76 19.49
C MET A 264 5.38 6.43 18.76
N ILE A 265 4.14 6.23 18.21
CA ILE A 265 3.75 5.04 17.42
C ILE A 265 4.69 4.95 16.19
N MET A 266 4.89 6.07 15.46
CA MET A 266 5.77 6.11 14.27
C MET A 266 7.16 5.61 14.63
N THR A 267 7.76 6.21 15.69
CA THR A 267 9.14 5.90 16.19
C THR A 267 9.26 4.46 16.64
N GLU A 268 8.19 3.84 17.19
CA GLU A 268 8.19 2.42 17.59
C GLU A 268 8.18 1.52 16.38
N CYS A 269 7.44 1.92 15.29
CA CYS A 269 7.40 1.16 14.03
C CYS A 269 8.76 1.22 13.37
N TRP A 270 9.48 2.35 13.49
CA TRP A 270 10.81 2.59 12.95
C TRP A 270 11.96 2.08 13.88
N ASN A 271 11.77 0.92 14.53
CA ASN A 271 12.83 0.34 15.39
C ASN A 271 13.77 -0.49 14.52
N ASN A 272 15.10 -0.32 14.69
CA ASN A 272 16.09 -1.12 13.95
C ASN A 272 15.98 -2.63 14.28
N ASN A 273 15.54 -2.98 15.51
CA ASN A 273 15.36 -4.35 15.97
C ASN A 273 13.99 -4.78 15.48
N VAL A 274 13.97 -5.75 14.53
CA VAL A 274 12.76 -6.31 13.87
C VAL A 274 11.74 -6.84 14.93
N ASN A 275 12.23 -7.53 15.98
CA ASN A 275 11.41 -8.11 17.05
C ASN A 275 10.81 -7.09 18.00
N GLN A 276 11.42 -5.91 18.14
CA GLN A 276 10.94 -4.82 19.01
C GLN A 276 9.81 -3.98 18.40
N ARG A 277 9.51 -4.14 17.09
CA ARG A 277 8.45 -3.35 16.39
C ARG A 277 7.08 -3.83 16.85
N PRO A 278 6.05 -2.95 17.00
CA PRO A 278 4.74 -3.46 17.44
C PRO A 278 4.04 -4.35 16.40
N SER A 279 3.01 -5.06 16.87
CA SER A 279 2.21 -5.94 16.03
C SER A 279 1.04 -5.09 15.52
N PHE A 280 0.44 -5.46 14.37
CA PHE A 280 -0.73 -4.73 13.84
C PHE A 280 -1.93 -4.89 14.77
N ARG A 281 -2.01 -6.02 15.52
CA ARG A 281 -3.11 -6.23 16.48
C ARG A 281 -3.03 -5.13 17.57
N ASP A 282 -1.82 -4.89 18.16
CA ASP A 282 -1.59 -3.86 19.19
C ASP A 282 -1.75 -2.45 18.68
N LEU A 283 -1.31 -2.15 17.42
CA LEU A 283 -1.48 -0.84 16.77
C LEU A 283 -2.96 -0.53 16.64
N ALA A 284 -3.80 -1.51 16.15
CA ALA A 284 -5.27 -1.24 16.02
C ALA A 284 -5.91 -0.92 17.38
N LEU A 285 -5.51 -1.65 18.44
CA LEU A 285 -5.98 -1.46 19.83
C LEU A 285 -5.55 -0.05 20.33
N ARG A 286 -4.26 0.32 20.11
CA ARG A 286 -3.72 1.62 20.51
C ARG A 286 -4.38 2.81 19.81
N VAL A 287 -4.49 2.75 18.46
CA VAL A 287 -5.10 3.77 17.61
C VAL A 287 -6.57 3.94 18.02
N ASP A 288 -7.32 2.83 18.27
CA ASP A 288 -8.74 2.92 18.68
C ASP A 288 -8.89 3.57 20.05
N GLN A 289 -7.87 3.41 20.94
CA GLN A 289 -7.84 4.02 22.26
C GLN A 289 -7.65 5.53 22.14
N ILE A 290 -6.66 6.00 21.28
CA ILE A 290 -6.38 7.43 21.00
C ILE A 290 -7.68 8.09 20.54
N ARG A 291 -8.37 7.50 19.49
CA ARG A 291 -9.63 8.00 18.89
C ARG A 291 -10.69 8.15 19.97
N ASP A 292 -10.82 7.12 20.85
CA ASP A 292 -11.78 7.12 21.97
C ASP A 292 -11.49 8.29 22.90
N ASN A 293 -10.21 8.49 23.30
CA ASN A 293 -9.77 9.60 24.16
C ASN A 293 -10.10 10.98 23.55
N MET A 294 -9.97 11.13 22.20
CA MET A 294 -10.28 12.37 21.45
C MET A 294 -11.80 12.65 21.37
C1 4HW B . -4.36 4.45 -9.13
C2 4HW B . -4.42 3.07 -9.19
C3 4HW B . -3.72 2.30 -8.27
N1 4HW B . -7.53 -1.12 -7.58
C7 4HW B . -6.32 0.86 -8.21
C6 4HW B . -5.13 0.16 -8.01
N2 4HW B . -5.11 -1.15 -7.68
C5 4HW B . -2.88 4.32 -7.26
C4 4HW B . -2.93 2.93 -7.31
C8 4HW B . -7.50 0.17 -7.93
C9 4HW B . -6.32 -1.71 -7.48
N7 4HW B . -10.34 -0.72 -7.13
C10 4HW B . -10.00 0.50 -7.56
N4 4HW B . -10.81 1.56 -7.64
C11 4HW B . -9.98 2.58 -8.01
N6 4HW B . -10.46 3.86 -8.20
C12 4HW B . -9.82 5.09 -8.52
C17 4HW B . -8.43 5.21 -8.64
C16 4HW B . -7.87 6.43 -9.02
C15 4HW B . -8.68 7.52 -9.29
C14 4HW B . -10.06 7.40 -9.17
C13 4HW B . -10.63 6.19 -8.79
N5 4HW B . -8.71 2.21 -8.15
N3 4HW B . -8.72 0.86 -7.86
N 4HW B . -3.98 0.94 -7.96
C 4HW B . -3.60 5.08 -8.17
#